data_2KIN
#
_entry.id   2KIN
#
_cell.length_a   71.556
_cell.length_b   73.674
_cell.length_c   74.128
_cell.angle_alpha   90.00
_cell.angle_beta   90.00
_cell.angle_gamma   90.00
#
_symmetry.space_group_name_H-M   'P 21 21 21'
#
loop_
_entity.id
_entity.type
_entity.pdbx_description
1 polymer KINESIN
2 polymer KINESIN
3 non-polymer 'SULFATE ION'
4 non-polymer "ADENOSINE-5'-DIPHOSPHATE"
5 water water
#
loop_
_entity_poly.entity_id
_entity_poly.type
_entity_poly.pdbx_seq_one_letter_code
_entity_poly.pdbx_strand_id
1 'polypeptide(L)'
;ADPAECSIKVMCRFRPLNEAEILRGDKFIPKFKGEETVVIGQGKPYVFDRVLPPNTTQEQVYNACAKQIVKDVLEGYNGT
IFAYGQTSSGKTHTMEGKLHDPQLMGIIPRIAHDIFDHIYSMDENLEFHIKVSYFEIYLDKIRDLLDVSKTNLAVHEDKN
RVPYVKGCTERFVSSPEEVMDVIDEGKANRHVAVTNMNEHSSRSHSIFLINIKQENVETEKKLSGKLYLVDLAGSEKV
;
A
2 'polypeptide(L)'
;AKNINKSLSALGNVISALAEGTKTHVPYRDSKMTRILQDSLDGNCRTTIVICCSPSVFNEAETKSTLMFGQRAKTIKNTV
SVNLELTAEEWKKKYEKEKE
;
B
#
loop_
_chem_comp.id
_chem_comp.type
_chem_comp.name
_chem_comp.formula
ADP non-polymer ADENOSINE-5'-DIPHOSPHATE 'C10 H15 N5 O10 P2'
SO4 non-polymer 'SULFATE ION' 'O4 S -2'
#
# COMPACT_ATOMS: atom_id res chain seq x y z
N ALA A 1 -12.78 -22.69 9.83
CA ALA A 1 -12.94 -21.51 10.76
C ALA A 1 -13.59 -20.37 9.99
N ASP A 2 -14.35 -19.49 10.63
CA ASP A 2 -15.02 -18.45 9.85
C ASP A 2 -14.09 -17.25 9.64
N PRO A 3 -14.20 -16.58 8.51
CA PRO A 3 -13.40 -15.40 8.20
C PRO A 3 -13.97 -14.19 8.94
N ALA A 4 -13.28 -13.05 8.87
CA ALA A 4 -13.81 -11.88 9.62
C ALA A 4 -14.00 -10.74 8.64
N GLU A 5 -14.84 -9.78 9.01
CA GLU A 5 -15.06 -8.68 8.10
C GLU A 5 -14.08 -7.55 8.53
N CYS A 6 -13.60 -6.73 7.62
CA CYS A 6 -12.74 -5.63 8.10
C CYS A 6 -12.83 -4.48 7.13
N SER A 7 -12.87 -3.23 7.51
CA SER A 7 -12.99 -2.14 6.54
C SER A 7 -11.58 -1.71 6.07
N ILE A 8 -11.56 -1.14 4.92
CA ILE A 8 -10.27 -0.59 4.42
C ILE A 8 -10.03 0.64 5.32
N LYS A 9 -8.87 0.74 5.89
CA LYS A 9 -8.55 1.88 6.79
C LYS A 9 -8.10 3.04 5.90
N VAL A 10 -8.43 4.28 6.28
CA VAL A 10 -8.05 5.46 5.49
C VAL A 10 -7.45 6.48 6.48
N MET A 11 -6.18 6.84 6.26
CA MET A 11 -5.52 7.87 7.06
C MET A 11 -5.17 9.01 6.10
N CYS A 12 -5.41 10.25 6.52
CA CYS A 12 -5.25 11.44 5.72
C CYS A 12 -4.06 12.25 6.25
N ARG A 13 -3.06 12.52 5.43
CA ARG A 13 -1.89 13.26 5.94
C ARG A 13 -1.75 14.56 5.17
N PHE A 14 -1.85 15.66 5.89
CA PHE A 14 -1.67 16.98 5.31
C PHE A 14 -0.19 17.35 5.50
N ARG A 15 0.57 17.54 4.45
CA ARG A 15 1.96 17.95 4.66
C ARG A 15 1.95 19.48 4.95
N PRO A 16 3.08 19.96 5.42
CA PRO A 16 3.29 21.41 5.63
C PRO A 16 3.20 22.10 4.30
N LEU A 17 2.92 23.43 4.34
CA LEU A 17 2.95 24.21 3.11
C LEU A 17 4.35 24.12 2.48
N ASN A 18 4.47 24.13 1.16
CA ASN A 18 5.82 24.03 0.60
C ASN A 18 6.43 25.42 0.37
N GLU A 19 7.67 25.38 -0.15
CA GLU A 19 8.43 26.60 -0.39
C GLU A 19 7.62 27.56 -1.26
N ALA A 20 7.15 27.14 -2.40
CA ALA A 20 6.32 27.98 -3.26
C ALA A 20 5.02 28.44 -2.61
N GLU A 21 4.30 27.55 -1.90
CA GLU A 21 3.08 28.02 -1.23
C GLU A 21 3.39 29.10 -0.20
N ILE A 22 4.47 28.92 0.58
CA ILE A 22 4.77 29.93 1.61
C ILE A 22 5.22 31.20 0.92
N LEU A 23 6.12 31.15 -0.05
CA LEU A 23 6.55 32.37 -0.71
C LEU A 23 5.37 33.06 -1.41
N ARG A 24 4.42 32.31 -1.99
CA ARG A 24 3.24 32.95 -2.55
C ARG A 24 2.25 33.40 -1.48
N GLY A 25 2.49 33.19 -0.19
CA GLY A 25 1.67 33.57 0.93
C GLY A 25 0.43 32.74 1.20
N ASP A 26 0.30 31.59 0.52
CA ASP A 26 -0.87 30.74 0.65
C ASP A 26 -1.34 30.57 2.09
N LYS A 27 -2.65 30.62 2.24
CA LYS A 27 -3.30 30.36 3.51
C LYS A 27 -3.32 28.83 3.71
N PHE A 28 -3.29 28.44 4.96
CA PHE A 28 -3.41 27.03 5.34
C PHE A 28 -4.89 26.69 5.46
N ILE A 29 -5.51 25.92 4.55
CA ILE A 29 -6.95 25.69 4.65
C ILE A 29 -7.52 24.72 5.62
N PRO A 30 -6.94 23.55 5.89
CA PRO A 30 -7.63 22.59 6.72
C PRO A 30 -7.89 23.00 8.15
N LYS A 31 -8.98 22.53 8.76
CA LYS A 31 -9.21 22.77 10.19
C LYS A 31 -9.34 21.40 10.84
N PHE A 32 -8.61 21.12 11.90
CA PHE A 32 -8.65 19.80 12.53
C PHE A 32 -9.54 19.70 13.75
N LYS A 33 -10.26 18.59 13.92
CA LYS A 33 -11.06 18.38 15.12
C LYS A 33 -10.75 16.96 15.61
N GLY A 34 -10.25 16.84 16.84
CA GLY A 34 -9.93 15.53 17.39
C GLY A 34 -8.86 14.84 16.51
N GLU A 35 -8.79 13.53 16.57
CA GLU A 35 -7.77 12.79 15.83
C GLU A 35 -8.17 12.28 14.46
N GLU A 36 -9.47 12.47 14.16
CA GLU A 36 -10.02 11.89 12.94
C GLU A 36 -10.73 12.79 11.98
N THR A 37 -10.94 14.07 12.28
CA THR A 37 -11.77 14.91 11.42
C THR A 37 -11.04 16.09 10.81
N VAL A 38 -11.43 16.49 9.63
CA VAL A 38 -10.86 17.64 8.97
C VAL A 38 -12.03 18.30 8.23
N VAL A 39 -12.01 19.62 8.26
CA VAL A 39 -13.02 20.41 7.55
C VAL A 39 -12.31 21.45 6.67
N ILE A 40 -12.83 21.62 5.47
CA ILE A 40 -12.23 22.61 4.56
C ILE A 40 -13.26 23.77 4.55
N GLY A 41 -12.92 24.97 5.00
CA GLY A 41 -13.84 26.08 5.07
C GLY A 41 -15.20 25.72 5.67
N GLN A 42 -16.27 25.85 4.91
CA GLN A 42 -17.60 25.63 5.45
C GLN A 42 -18.17 24.28 5.03
N GLY A 43 -17.31 23.45 4.44
CA GLY A 43 -17.74 22.17 3.92
C GLY A 43 -18.11 21.20 5.01
N LYS A 44 -18.75 20.09 4.68
CA LYS A 44 -19.11 19.14 5.74
C LYS A 44 -17.83 18.47 6.19
N PRO A 45 -17.75 18.03 7.43
CA PRO A 45 -16.55 17.41 7.96
C PRO A 45 -16.20 16.12 7.21
N TYR A 46 -14.93 15.77 7.12
CA TYR A 46 -14.52 14.47 6.59
C TYR A 46 -14.02 13.65 7.76
N VAL A 47 -14.43 12.43 7.99
CA VAL A 47 -13.95 11.68 9.15
C VAL A 47 -13.14 10.49 8.62
N PHE A 48 -11.90 10.33 9.02
CA PHE A 48 -11.11 9.17 8.56
C PHE A 48 -10.77 8.27 9.68
N ASP A 49 -9.93 7.20 9.51
CA ASP A 49 -9.44 6.49 10.69
C ASP A 49 -8.42 7.36 11.46
N ARG A 50 -7.75 8.27 10.76
CA ARG A 50 -6.81 9.18 11.47
C ARG A 50 -6.53 10.40 10.58
N VAL A 51 -6.41 11.60 11.12
CA VAL A 51 -6.03 12.75 10.25
C VAL A 51 -4.66 13.17 10.87
N LEU A 52 -3.68 13.38 10.03
CA LEU A 52 -2.34 13.63 10.58
C LEU A 52 -1.93 15.03 10.12
N PRO A 53 -1.84 15.96 11.03
CA PRO A 53 -1.48 17.33 10.67
C PRO A 53 -0.02 17.47 10.21
N PRO A 54 0.37 18.65 9.75
CA PRO A 54 1.70 18.92 9.24
C PRO A 54 2.80 18.64 10.25
N ASN A 55 2.50 18.82 11.55
CA ASN A 55 3.46 18.58 12.58
C ASN A 55 3.57 17.07 12.93
N THR A 56 3.23 16.13 12.10
CA THR A 56 3.39 14.71 12.49
C THR A 56 4.79 14.23 12.11
N THR A 57 5.48 13.49 12.97
CA THR A 57 6.80 13.00 12.55
C THR A 57 6.66 11.72 11.69
N GLN A 58 7.71 11.31 11.02
CA GLN A 58 7.63 10.04 10.27
C GLN A 58 7.30 8.91 11.20
N GLU A 59 7.88 8.83 12.41
CA GLU A 59 7.60 7.74 13.31
C GLU A 59 6.11 7.73 13.77
N GLN A 60 5.45 8.87 13.93
CA GLN A 60 4.04 8.97 14.26
C GLN A 60 3.23 8.51 13.04
N VAL A 61 3.67 8.82 11.83
CA VAL A 61 2.90 8.30 10.68
C VAL A 61 2.89 6.75 10.72
N TYR A 62 4.08 6.20 10.85
CA TYR A 62 4.34 4.77 10.87
C TYR A 62 3.46 4.08 11.92
N ASN A 63 3.48 4.58 13.15
CA ASN A 63 2.65 4.04 14.18
C ASN A 63 1.18 4.14 13.81
N ALA A 64 0.72 5.22 13.20
CA ALA A 64 -0.71 5.32 12.92
C ALA A 64 -1.18 4.49 11.73
N CYS A 65 -0.37 4.35 10.71
CA CYS A 65 -0.72 3.76 9.46
C CYS A 65 -0.13 2.40 9.15
N ALA A 66 1.01 2.00 9.73
CA ALA A 66 1.66 0.82 9.17
C ALA A 66 2.07 -0.24 10.16
N LYS A 67 2.24 0.16 11.40
CA LYS A 67 2.68 -0.70 12.48
C LYS A 67 1.74 -1.91 12.61
N GLN A 68 0.45 -1.69 12.57
CA GLN A 68 -0.50 -2.79 12.70
C GLN A 68 -0.45 -3.73 11.48
N ILE A 69 -0.20 -3.21 10.31
CA ILE A 69 -0.16 -4.02 9.08
C ILE A 69 0.93 -5.08 9.23
N VAL A 70 2.10 -4.67 9.76
CA VAL A 70 3.22 -5.57 9.97
C VAL A 70 2.83 -6.71 10.93
N LYS A 71 2.12 -6.40 12.04
CA LYS A 71 1.66 -7.49 12.91
C LYS A 71 0.69 -8.42 12.15
N ASP A 72 -0.24 -7.86 11.41
CA ASP A 72 -1.24 -8.61 10.65
C ASP A 72 -0.62 -9.56 9.62
N VAL A 73 0.38 -9.08 8.91
CA VAL A 73 1.10 -9.91 7.93
C VAL A 73 1.84 -11.04 8.64
N LEU A 74 2.43 -10.72 9.81
CA LEU A 74 3.10 -11.79 10.57
C LEU A 74 2.13 -12.77 11.21
N GLU A 75 0.82 -12.54 11.20
CA GLU A 75 -0.16 -13.52 11.63
C GLU A 75 -0.65 -14.32 10.41
N GLY A 76 -0.21 -13.98 9.20
CA GLY A 76 -0.60 -14.67 8.00
C GLY A 76 -1.74 -14.03 7.22
N TYR A 77 -1.98 -12.73 7.46
CA TYR A 77 -2.92 -12.05 6.55
C TYR A 77 -2.18 -11.41 5.38
N ASN A 78 -2.81 -11.29 4.23
CA ASN A 78 -2.30 -10.40 3.19
C ASN A 78 -2.53 -8.96 3.68
N GLY A 79 -1.60 -8.08 3.36
CA GLY A 79 -1.72 -6.65 3.84
C GLY A 79 -1.26 -5.75 2.72
N THR A 80 -1.87 -4.57 2.53
CA THR A 80 -1.52 -3.62 1.50
C THR A 80 -1.64 -2.19 2.12
N ILE A 81 -0.61 -1.37 1.80
CA ILE A 81 -0.64 0.05 2.20
C ILE A 81 -0.33 0.79 0.90
N PHE A 82 -1.29 1.68 0.50
CA PHE A 82 -0.93 2.45 -0.69
C PHE A 82 -1.13 3.95 -0.36
N ALA A 83 -0.28 4.80 -0.93
CA ALA A 83 -0.39 6.24 -0.81
C ALA A 83 -1.02 6.80 -2.08
N TYR A 84 -1.94 7.75 -1.92
CA TYR A 84 -2.76 8.31 -2.96
C TYR A 84 -2.85 9.85 -2.81
N GLY A 85 -2.86 10.56 -3.92
CA GLY A 85 -2.94 12.04 -3.73
C GLY A 85 -2.25 12.70 -4.90
N GLN A 86 -2.47 13.99 -5.14
CA GLN A 86 -1.93 14.62 -6.32
C GLN A 86 -0.37 14.70 -6.21
N THR A 87 0.22 14.88 -7.37
CA THR A 87 1.69 15.05 -7.40
C THR A 87 2.03 16.21 -6.47
N SER A 88 3.07 16.04 -5.70
CA SER A 88 3.62 16.91 -4.69
C SER A 88 2.84 16.93 -3.42
N SER A 89 1.89 15.98 -3.15
CA SER A 89 1.09 16.08 -1.91
C SER A 89 1.80 15.38 -0.78
N GLY A 90 2.81 14.52 -1.17
CA GLY A 90 3.55 13.92 -0.05
C GLY A 90 3.60 12.38 -0.08
N LYS A 91 3.18 11.79 -1.20
CA LYS A 91 3.14 10.35 -1.22
C LYS A 91 4.54 9.69 -1.01
N THR A 92 5.54 10.19 -1.75
CA THR A 92 6.85 9.48 -1.65
C THR A 92 7.49 9.79 -0.32
N HIS A 93 7.31 11.05 0.16
CA HIS A 93 7.80 11.38 1.51
C HIS A 93 7.28 10.37 2.53
N THR A 94 5.96 10.07 2.41
CA THR A 94 5.30 9.16 3.33
C THR A 94 5.80 7.70 3.20
N MET A 95 5.82 7.15 1.99
CA MET A 95 6.13 5.68 1.81
C MET A 95 7.67 5.47 1.89
N GLU A 96 8.47 6.46 1.42
CA GLU A 96 9.95 6.26 1.50
C GLU A 96 10.69 7.21 2.41
N GLY A 97 10.35 8.50 2.28
CA GLY A 97 11.04 9.56 3.04
C GLY A 97 12.51 9.65 2.60
N LYS A 98 13.40 9.91 3.56
CA LYS A 98 14.84 9.89 3.27
C LYS A 98 15.27 8.49 3.76
N LEU A 99 15.37 7.60 2.84
CA LEU A 99 15.48 6.17 3.06
C LEU A 99 16.34 5.72 4.20
N HIS A 100 17.58 6.23 4.34
CA HIS A 100 18.42 5.72 5.42
C HIS A 100 18.51 6.61 6.64
N ASP A 101 17.67 7.66 6.67
CA ASP A 101 17.74 8.58 7.83
C ASP A 101 16.78 8.11 8.88
N PRO A 102 17.23 7.81 10.09
CA PRO A 102 16.43 7.33 11.18
C PRO A 102 15.27 8.26 11.48
N GLN A 103 15.47 9.59 11.34
CA GLN A 103 14.36 10.46 11.67
C GLN A 103 13.49 10.72 10.45
N LEU A 104 14.02 10.88 9.26
CA LEU A 104 13.19 11.21 8.12
C LEU A 104 12.74 9.99 7.30
N MET A 105 13.22 8.77 7.65
CA MET A 105 12.80 7.67 6.73
C MET A 105 11.28 7.46 6.85
N GLY A 106 10.71 6.97 5.75
CA GLY A 106 9.26 6.77 5.73
C GLY A 106 8.80 5.36 6.04
N ILE A 107 7.61 5.04 5.47
CA ILE A 107 7.02 3.74 5.89
C ILE A 107 7.79 2.50 5.43
N ILE A 108 8.17 2.39 4.20
CA ILE A 108 8.87 1.19 3.71
C ILE A 108 10.11 0.85 4.50
N PRO A 109 11.03 1.79 4.75
CA PRO A 109 12.25 1.46 5.52
C PRO A 109 11.95 1.12 6.94
N ARG A 110 10.87 1.68 7.54
CA ARG A 110 10.52 1.35 8.91
C ARG A 110 9.91 -0.06 8.97
N ILE A 111 9.09 -0.41 7.96
CA ILE A 111 8.61 -1.81 7.91
C ILE A 111 9.83 -2.72 7.74
N ALA A 112 10.78 -2.40 6.88
CA ALA A 112 11.97 -3.28 6.72
C ALA A 112 12.62 -3.56 8.06
N HIS A 113 12.74 -2.57 8.97
CA HIS A 113 13.30 -2.81 10.29
C HIS A 113 12.35 -3.56 11.23
N ASP A 114 11.07 -3.16 11.20
CA ASP A 114 10.12 -3.74 12.16
C ASP A 114 9.74 -5.21 11.94
N ILE A 115 9.72 -5.68 10.74
CA ILE A 115 9.40 -7.09 10.42
C ILE A 115 10.45 -7.96 11.13
N PHE A 116 11.73 -7.49 11.04
CA PHE A 116 12.80 -8.27 11.72
C PHE A 116 12.74 -8.18 13.20
N ASP A 117 12.42 -7.01 13.75
CA ASP A 117 12.28 -6.92 15.20
C ASP A 117 11.17 -7.84 15.66
N HIS A 118 10.04 -7.93 14.94
CA HIS A 118 9.03 -8.87 15.42
C HIS A 118 9.53 -10.33 15.28
N ILE A 119 10.08 -10.64 14.15
CA ILE A 119 10.50 -12.08 13.90
C ILE A 119 11.50 -12.57 14.92
N TYR A 120 12.45 -11.68 15.33
CA TYR A 120 13.45 -12.15 16.30
C TYR A 120 12.83 -12.64 17.57
N SER A 121 11.68 -12.05 17.97
CA SER A 121 11.02 -12.48 19.19
C SER A 121 9.93 -13.53 19.03
N MET A 122 9.80 -14.14 17.84
CA MET A 122 8.71 -15.10 17.71
C MET A 122 9.19 -16.50 18.14
N ASP A 123 8.16 -17.37 18.16
CA ASP A 123 8.27 -18.75 18.55
C ASP A 123 9.48 -19.46 17.95
N GLU A 124 10.23 -20.17 18.75
CA GLU A 124 11.42 -20.92 18.29
C GLU A 124 11.12 -22.02 17.29
N ASN A 125 9.87 -22.55 17.22
CA ASN A 125 9.58 -23.57 16.22
C ASN A 125 9.36 -23.06 14.82
N LEU A 126 9.44 -21.74 14.56
CA LEU A 126 9.18 -21.24 13.22
C LEU A 126 10.39 -21.02 12.34
N GLU A 127 10.23 -21.39 11.08
CA GLU A 127 11.23 -21.18 10.05
C GLU A 127 10.70 -20.08 9.12
N PHE A 128 11.51 -19.05 8.84
CA PHE A 128 11.02 -17.92 8.04
C PHE A 128 11.65 -17.84 6.69
N HIS A 129 10.90 -17.39 5.66
CA HIS A 129 11.41 -17.21 4.34
C HIS A 129 10.77 -15.89 3.86
N ILE A 130 11.58 -14.85 3.67
CA ILE A 130 11.02 -13.55 3.27
C ILE A 130 11.61 -13.19 1.91
N LYS A 131 10.79 -13.00 0.91
CA LYS A 131 11.33 -12.67 -0.39
C LYS A 131 10.74 -11.32 -0.79
N VAL A 132 11.52 -10.50 -1.46
CA VAL A 132 10.98 -9.18 -1.82
C VAL A 132 11.11 -9.10 -3.32
N SER A 133 10.24 -8.20 -3.85
CA SER A 133 10.24 -7.90 -5.24
C SER A 133 9.95 -6.37 -5.33
N TYR A 134 10.40 -5.79 -6.41
CA TYR A 134 10.31 -4.34 -6.55
C TYR A 134 10.11 -4.04 -8.00
N PHE A 135 8.90 -3.45 -8.29
CA PHE A 135 8.55 -3.17 -9.65
C PHE A 135 7.76 -1.88 -9.84
N GLU A 136 7.61 -1.45 -11.09
CA GLU A 136 6.84 -0.21 -11.27
C GLU A 136 5.94 -0.42 -12.46
N ILE A 137 4.94 0.43 -12.53
CA ILE A 137 3.99 0.40 -13.64
C ILE A 137 3.94 1.80 -14.23
N TYR A 138 4.14 1.86 -15.53
CA TYR A 138 4.21 3.11 -16.27
C TYR A 138 3.54 2.85 -17.61
N LEU A 139 2.53 3.61 -17.96
CA LEU A 139 1.71 3.45 -19.15
C LEU A 139 1.18 2.03 -19.27
N ASP A 140 0.66 1.54 -18.13
CA ASP A 140 0.14 0.20 -18.07
C ASP A 140 1.13 -0.91 -18.39
N LYS A 141 2.42 -0.72 -18.22
CA LYS A 141 3.39 -1.79 -18.42
C LYS A 141 4.27 -1.95 -17.18
N ILE A 142 4.55 -3.19 -16.82
CA ILE A 142 5.28 -3.49 -15.62
C ILE A 142 6.77 -3.69 -15.92
N ARG A 143 7.60 -2.89 -15.28
CA ARG A 143 9.05 -3.03 -15.36
C ARG A 143 9.60 -3.43 -14.04
N ASP A 144 10.42 -4.51 -14.08
CA ASP A 144 11.04 -5.02 -12.88
C ASP A 144 12.15 -4.05 -12.48
N LEU A 145 12.14 -3.51 -11.28
CA LEU A 145 13.20 -2.55 -10.94
C LEU A 145 14.52 -3.23 -10.57
N LEU A 146 14.52 -4.52 -10.39
CA LEU A 146 15.65 -5.37 -10.10
C LEU A 146 16.18 -6.05 -11.36
N ASP A 147 15.56 -5.84 -12.48
CA ASP A 147 15.99 -6.29 -13.79
C ASP A 147 15.33 -5.43 -14.81
N VAL A 148 15.86 -4.21 -15.12
CA VAL A 148 15.20 -3.32 -16.07
C VAL A 148 15.24 -3.69 -17.53
N SER A 149 15.80 -4.86 -17.89
CA SER A 149 15.65 -5.43 -19.21
C SER A 149 14.23 -6.01 -19.31
N LYS A 150 13.52 -6.26 -18.20
CA LYS A 150 12.16 -6.79 -18.32
C LYS A 150 11.18 -5.63 -18.15
N THR A 151 10.64 -5.18 -19.24
CA THR A 151 9.82 -3.99 -19.22
C THR A 151 8.35 -4.24 -19.54
N ASN A 152 7.96 -5.49 -19.61
CA ASN A 152 6.52 -5.76 -19.88
C ASN A 152 6.07 -7.04 -19.21
N LEU A 153 6.30 -7.19 -17.93
CA LEU A 153 5.94 -8.40 -17.19
C LEU A 153 4.41 -8.58 -17.24
N ALA A 154 3.99 -9.83 -17.27
CA ALA A 154 2.56 -10.12 -17.30
C ALA A 154 1.98 -10.37 -15.91
N VAL A 155 0.68 -10.22 -15.78
CA VAL A 155 0.01 -10.60 -14.53
C VAL A 155 -0.62 -11.98 -14.73
N HIS A 156 -0.40 -12.99 -13.95
CA HIS A 156 -0.98 -14.29 -13.94
C HIS A 156 -1.78 -14.51 -12.64
N GLU A 157 -2.29 -15.74 -12.38
CA GLU A 157 -2.96 -15.97 -11.09
C GLU A 157 -2.25 -17.05 -10.29
N ASP A 158 -2.00 -16.91 -9.01
CA ASP A 158 -1.32 -17.90 -8.19
C ASP A 158 -2.22 -19.10 -7.89
N LYS A 159 -1.80 -19.96 -6.98
CA LYS A 159 -2.55 -21.17 -6.62
C LYS A 159 -3.83 -20.88 -5.85
N ASN A 160 -3.97 -19.68 -5.28
CA ASN A 160 -5.19 -19.32 -4.58
C ASN A 160 -6.07 -18.45 -5.49
N ARG A 161 -5.76 -18.41 -6.77
CA ARG A 161 -6.44 -17.66 -7.79
C ARG A 161 -6.32 -16.14 -7.57
N VAL A 162 -5.17 -15.74 -7.06
CA VAL A 162 -4.87 -14.32 -6.79
C VAL A 162 -3.83 -13.82 -7.79
N PRO A 163 -4.10 -12.69 -8.41
CA PRO A 163 -3.20 -12.13 -9.40
C PRO A 163 -1.83 -11.83 -8.80
N TYR A 164 -0.79 -12.00 -9.61
CA TYR A 164 0.57 -11.66 -9.18
C TYR A 164 1.38 -11.36 -10.46
N VAL A 165 2.50 -10.65 -10.23
CA VAL A 165 3.35 -10.31 -11.37
C VAL A 165 4.24 -11.55 -11.59
N LYS A 166 4.18 -12.10 -12.79
CA LYS A 166 4.95 -13.29 -13.13
C LYS A 166 6.31 -12.87 -13.74
N GLY A 167 7.31 -13.61 -13.33
CA GLY A 167 8.62 -13.40 -13.90
C GLY A 167 9.42 -12.26 -13.24
N CYS A 168 8.94 -11.73 -12.13
CA CYS A 168 9.56 -10.65 -11.45
C CYS A 168 10.69 -11.17 -10.57
N THR A 169 11.78 -10.41 -10.49
CA THR A 169 12.88 -10.85 -9.60
C THR A 169 12.40 -10.93 -8.18
N GLU A 170 12.80 -12.02 -7.50
CA GLU A 170 12.52 -12.18 -6.09
C GLU A 170 13.81 -12.36 -5.32
N ARG A 171 14.00 -11.62 -4.27
CA ARG A 171 15.21 -11.77 -3.45
C ARG A 171 14.88 -12.17 -2.05
N PHE A 172 15.52 -13.23 -1.56
CA PHE A 172 15.34 -13.68 -0.20
C PHE A 172 16.12 -12.74 0.72
N VAL A 173 15.58 -12.32 1.86
CA VAL A 173 16.26 -11.39 2.73
C VAL A 173 16.18 -11.89 4.14
N SER A 174 17.23 -11.57 4.92
CA SER A 174 17.25 -12.04 6.28
C SER A 174 17.63 -10.95 7.26
N SER A 175 17.62 -9.69 6.76
CA SER A 175 17.87 -8.59 7.69
C SER A 175 17.28 -7.30 7.12
N PRO A 176 17.09 -6.28 7.93
CA PRO A 176 16.55 -5.00 7.40
C PRO A 176 17.50 -4.44 6.39
N GLU A 177 18.84 -4.53 6.59
CA GLU A 177 19.78 -4.05 5.58
C GLU A 177 19.64 -4.73 4.25
N GLU A 178 19.38 -6.06 4.20
CA GLU A 178 19.21 -6.69 2.88
C GLU A 178 17.97 -6.15 2.17
N VAL A 179 16.94 -5.82 2.94
CA VAL A 179 15.72 -5.24 2.32
C VAL A 179 16.10 -3.89 1.72
N MET A 180 16.73 -3.00 2.52
CA MET A 180 17.18 -1.68 2.04
C MET A 180 18.16 -1.73 0.87
N ASP A 181 19.03 -2.77 0.78
CA ASP A 181 19.87 -2.96 -0.40
C ASP A 181 19.04 -3.11 -1.66
N VAL A 182 17.91 -3.81 -1.62
CA VAL A 182 17.04 -4.01 -2.79
C VAL A 182 16.42 -2.69 -3.25
N ILE A 183 15.92 -1.93 -2.28
CA ILE A 183 15.37 -0.60 -2.51
C ILE A 183 16.42 0.29 -3.15
N ASP A 184 17.66 0.33 -2.60
CA ASP A 184 18.71 1.16 -3.20
C ASP A 184 18.97 0.72 -4.62
N GLU A 185 19.01 -0.62 -4.79
CA GLU A 185 19.21 -1.13 -6.13
C GLU A 185 18.13 -0.70 -7.09
N GLY A 186 16.84 -0.84 -6.70
CA GLY A 186 15.76 -0.47 -7.61
C GLY A 186 15.70 1.04 -7.79
N LYS A 187 15.90 1.83 -6.75
CA LYS A 187 15.96 3.29 -7.00
C LYS A 187 16.96 3.69 -8.07
N ALA A 188 18.17 3.12 -8.06
CA ALA A 188 19.20 3.47 -9.06
C ALA A 188 18.83 2.99 -10.45
N ASN A 189 18.33 1.72 -10.49
CA ASN A 189 17.95 1.15 -11.78
C ASN A 189 16.82 1.92 -12.41
N ARG A 190 15.92 2.51 -11.59
CA ARG A 190 14.78 3.20 -12.22
C ARG A 190 15.20 4.36 -13.10
N HIS A 191 16.36 5.03 -12.82
CA HIS A 191 16.81 6.08 -13.75
C HIS A 191 17.16 5.58 -15.13
N VAL A 192 17.49 4.29 -15.24
CA VAL A 192 17.82 3.72 -16.56
C VAL A 192 16.71 3.91 -17.57
N ALA A 193 17.01 4.45 -18.76
CA ALA A 193 16.03 4.75 -19.81
C ALA A 193 14.90 5.69 -19.42
N VAL A 194 15.04 6.43 -18.31
CA VAL A 194 14.06 7.46 -17.94
C VAL A 194 14.70 8.84 -18.18
N THR A 195 14.06 9.67 -18.95
CA THR A 195 14.64 10.94 -19.39
C THR A 195 14.21 12.16 -18.57
N ASN A 196 13.36 11.93 -17.57
CA ASN A 196 12.92 12.97 -16.63
C ASN A 196 12.32 12.24 -15.42
N MET A 197 13.11 12.05 -14.37
CA MET A 197 12.64 11.32 -13.19
C MET A 197 11.50 12.07 -12.47
N ASN A 198 11.54 13.41 -12.42
CA ASN A 198 10.47 14.15 -11.78
C ASN A 198 9.10 13.84 -12.41
N GLU A 199 9.06 13.89 -13.72
CA GLU A 199 7.84 13.58 -14.45
C GLU A 199 7.55 12.09 -14.35
N HIS A 200 8.58 11.25 -14.64
CA HIS A 200 8.35 9.80 -14.61
C HIS A 200 7.79 9.34 -13.29
N SER A 201 8.39 9.66 -12.15
CA SER A 201 7.92 9.22 -10.86
C SER A 201 6.50 9.75 -10.53
N SER A 202 6.06 10.82 -11.16
CA SER A 202 4.76 11.38 -10.89
C SER A 202 3.71 10.61 -11.71
N ARG A 203 4.09 9.98 -12.81
CA ARG A 203 3.16 9.28 -13.66
C ARG A 203 3.24 7.76 -13.54
N SER A 204 4.01 7.26 -12.61
CA SER A 204 4.28 5.84 -12.49
C SER A 204 3.94 5.37 -11.08
N HIS A 205 3.65 4.09 -10.97
CA HIS A 205 3.34 3.52 -9.66
C HIS A 205 4.59 2.79 -9.19
N SER A 206 4.95 2.88 -7.95
CA SER A 206 6.11 2.07 -7.50
C SER A 206 5.58 1.05 -6.53
N ILE A 207 5.84 -0.23 -6.71
CA ILE A 207 5.33 -1.29 -5.88
C ILE A 207 6.44 -2.04 -5.19
N PHE A 208 6.54 -2.08 -3.88
CA PHE A 208 7.50 -2.95 -3.19
C PHE A 208 6.67 -4.09 -2.55
N LEU A 209 7.07 -5.32 -2.79
CA LEU A 209 6.28 -6.46 -2.31
C LEU A 209 7.11 -7.29 -1.35
N ILE A 210 6.65 -7.57 -0.14
CA ILE A 210 7.43 -8.35 0.81
C ILE A 210 6.55 -9.59 1.06
N ASN A 211 7.03 -10.75 0.68
CA ASN A 211 6.29 -12.00 0.80
C ASN A 211 6.84 -12.74 2.02
N ILE A 212 6.07 -12.81 3.10
CA ILE A 212 6.51 -13.41 4.33
C ILE A 212 5.89 -14.80 4.57
N LYS A 213 6.73 -15.82 4.58
CA LYS A 213 6.36 -17.21 4.75
C LYS A 213 6.90 -17.76 6.03
N GLN A 214 6.06 -18.49 6.76
CA GLN A 214 6.45 -19.04 8.05
C GLN A 214 6.06 -20.53 8.08
N GLU A 215 6.92 -21.35 8.66
CA GLU A 215 6.53 -22.75 8.84
C GLU A 215 6.75 -23.15 10.28
N ASN A 216 5.73 -23.75 10.93
CA ASN A 216 5.99 -24.27 12.26
C ASN A 216 6.54 -25.68 11.96
N VAL A 217 7.82 -25.87 12.30
CA VAL A 217 8.45 -27.17 12.01
C VAL A 217 7.90 -28.26 12.92
N GLU A 218 7.28 -28.00 14.04
CA GLU A 218 6.75 -29.03 14.91
C GLU A 218 5.30 -29.36 14.52
N THR A 219 4.47 -28.33 14.31
CA THR A 219 3.04 -28.52 14.03
C THR A 219 2.79 -28.76 12.58
N GLU A 220 3.79 -28.47 11.74
CA GLU A 220 3.74 -28.61 10.30
C GLU A 220 2.82 -27.57 9.65
N LYS A 221 2.30 -26.59 10.34
CA LYS A 221 1.45 -25.56 9.66
C LYS A 221 2.29 -24.42 9.09
N LYS A 222 1.88 -23.93 7.94
CA LYS A 222 2.50 -22.80 7.31
C LYS A 222 1.49 -21.64 7.23
N LEU A 223 2.05 -20.45 7.35
CA LEU A 223 1.25 -19.23 7.14
C LEU A 223 2.06 -18.42 6.11
N SER A 224 1.35 -17.61 5.37
CA SER A 224 2.07 -16.71 4.48
C SER A 224 1.25 -15.43 4.30
N GLY A 225 1.95 -14.37 3.97
CA GLY A 225 1.19 -13.10 3.80
C GLY A 225 2.01 -12.26 2.83
N LYS A 226 1.38 -11.69 1.85
CA LYS A 226 2.04 -10.78 0.93
C LYS A 226 1.71 -9.34 1.38
N LEU A 227 2.75 -8.54 1.52
CA LEU A 227 2.55 -7.14 1.94
C LEU A 227 2.95 -6.25 0.79
N TYR A 228 1.93 -5.65 0.17
CA TYR A 228 2.19 -4.76 -0.94
C TYR A 228 2.35 -3.34 -0.37
N LEU A 229 3.39 -2.65 -0.86
CA LEU A 229 3.64 -1.25 -0.42
C LEU A 229 3.77 -0.42 -1.67
N VAL A 230 2.71 0.36 -1.96
CA VAL A 230 2.51 1.03 -3.21
C VAL A 230 2.52 2.57 -3.07
N ASP A 231 3.26 3.11 -4.01
CA ASP A 231 3.36 4.60 -4.12
C ASP A 231 2.81 4.90 -5.48
N LEU A 232 1.48 5.26 -5.47
CA LEU A 232 0.78 5.51 -6.72
C LEU A 232 1.25 6.74 -7.52
N ALA A 233 0.91 6.65 -8.81
CA ALA A 233 1.10 7.83 -9.66
C ALA A 233 0.24 8.97 -9.13
N GLY A 234 0.48 10.23 -9.52
CA GLY A 234 -0.35 11.29 -8.94
C GLY A 234 -1.81 11.15 -9.44
N SER A 235 -2.77 11.47 -8.60
CA SER A 235 -4.21 11.40 -8.91
C SER A 235 -4.86 12.63 -9.53
N GLU A 236 -4.07 13.69 -9.79
CA GLU A 236 -4.60 14.92 -10.36
C GLU A 236 -5.21 14.76 -11.74
N LYS A 237 -6.14 15.70 -12.03
CA LYS A 237 -6.83 15.72 -13.31
C LYS A 237 -6.02 16.45 -14.37
N VAL A 238 -6.38 16.18 -15.63
CA VAL A 238 -5.77 16.94 -16.69
C VAL A 238 -6.25 18.41 -16.50
N ALA B 1 -10.25 17.67 -16.03
CA ALA B 1 -11.36 16.81 -16.58
C ALA B 1 -11.23 15.37 -16.15
N LYS B 2 -10.48 14.60 -16.91
CA LYS B 2 -10.20 13.20 -16.62
C LYS B 2 -8.88 13.17 -15.85
N ASN B 3 -8.57 12.08 -15.20
CA ASN B 3 -7.30 11.96 -14.47
C ASN B 3 -6.18 11.80 -15.51
N ILE B 4 -5.05 12.45 -15.19
CA ILE B 4 -3.89 12.35 -16.07
C ILE B 4 -3.56 10.88 -16.29
N ASN B 5 -3.49 10.08 -15.26
CA ASN B 5 -3.25 8.66 -15.30
C ASN B 5 -4.58 7.92 -15.55
N LYS B 6 -4.67 7.17 -16.62
CA LYS B 6 -5.91 6.42 -16.86
C LYS B 6 -6.06 5.34 -15.81
N SER B 7 -4.97 4.80 -15.20
CA SER B 7 -5.10 3.85 -14.10
C SER B 7 -5.67 4.53 -12.86
N LEU B 8 -5.62 5.87 -12.79
CA LEU B 8 -6.19 6.56 -11.64
C LEU B 8 -7.70 6.79 -11.87
N SER B 9 -8.13 6.99 -13.13
CA SER B 9 -9.60 7.09 -13.31
C SER B 9 -10.18 5.68 -13.06
N ALA B 10 -9.43 4.64 -13.47
CA ALA B 10 -9.82 3.26 -13.29
C ALA B 10 -9.92 2.98 -11.81
N LEU B 11 -8.92 3.42 -11.02
CA LEU B 11 -8.96 3.26 -9.58
C LEU B 11 -10.13 4.10 -9.05
N GLY B 12 -10.34 5.33 -9.51
CA GLY B 12 -11.54 6.03 -8.88
C GLY B 12 -12.84 5.28 -9.23
N ASN B 13 -12.96 4.78 -10.47
CA ASN B 13 -14.14 3.99 -10.87
C ASN B 13 -14.29 2.73 -10.06
N VAL B 14 -13.22 2.01 -9.74
CA VAL B 14 -13.28 0.83 -8.90
C VAL B 14 -13.71 1.19 -7.48
N ILE B 15 -13.14 2.23 -6.85
CA ILE B 15 -13.55 2.57 -5.50
C ILE B 15 -15.04 3.03 -5.49
N SER B 16 -15.44 3.83 -6.43
CA SER B 16 -16.83 4.32 -6.51
C SER B 16 -17.82 3.16 -6.60
N ALA B 17 -17.58 2.29 -7.58
CA ALA B 17 -18.40 1.07 -7.73
C ALA B 17 -18.46 0.25 -6.46
N LEU B 18 -17.32 -0.01 -5.79
CA LEU B 18 -17.32 -0.76 -4.56
C LEU B 18 -18.03 -0.03 -3.43
N ALA B 19 -17.92 1.27 -3.39
CA ALA B 19 -18.51 2.09 -2.34
C ALA B 19 -20.03 2.10 -2.55
N GLU B 20 -20.47 2.06 -3.79
CA GLU B 20 -21.87 1.99 -4.14
C GLU B 20 -22.53 0.66 -3.79
N GLY B 21 -21.79 -0.44 -3.83
CA GLY B 21 -22.26 -1.78 -3.57
C GLY B 21 -22.44 -2.56 -4.85
N THR B 22 -22.04 -1.98 -5.99
CA THR B 22 -22.27 -2.63 -7.27
C THR B 22 -21.49 -3.90 -7.53
N LYS B 23 -20.23 -4.04 -7.16
CA LYS B 23 -19.41 -5.22 -7.43
C LYS B 23 -19.91 -6.25 -8.45
N THR B 24 -20.19 -5.81 -9.68
CA THR B 24 -20.50 -6.53 -10.88
C THR B 24 -20.05 -5.55 -11.99
N HIS B 25 -19.09 -6.03 -12.76
CA HIS B 25 -18.39 -5.27 -13.78
C HIS B 25 -17.58 -4.11 -13.18
N VAL B 26 -17.18 -4.22 -11.92
CA VAL B 26 -16.26 -3.25 -11.31
C VAL B 26 -15.04 -3.32 -12.22
N PRO B 27 -14.56 -2.18 -12.69
CA PRO B 27 -13.59 -2.22 -13.77
C PRO B 27 -12.14 -2.43 -13.37
N TYR B 28 -11.76 -3.49 -12.68
CA TYR B 28 -10.38 -3.74 -12.31
C TYR B 28 -9.49 -3.93 -13.55
N ARG B 29 -10.08 -4.53 -14.59
CA ARG B 29 -9.37 -4.86 -15.82
C ARG B 29 -9.05 -3.65 -16.64
N ASP B 30 -9.54 -2.46 -16.33
CA ASP B 30 -9.18 -1.25 -17.04
C ASP B 30 -7.69 -0.92 -16.87
N SER B 31 -7.00 -1.43 -15.86
CA SER B 31 -5.55 -1.16 -15.75
C SER B 31 -4.82 -2.24 -15.02
N LYS B 32 -3.51 -2.45 -15.38
CA LYS B 32 -2.72 -3.41 -14.62
C LYS B 32 -2.68 -3.08 -13.13
N MET B 33 -2.51 -1.79 -12.80
CA MET B 33 -2.45 -1.38 -11.39
C MET B 33 -3.75 -1.78 -10.63
N THR B 34 -4.92 -1.56 -11.21
CA THR B 34 -6.16 -1.96 -10.51
C THR B 34 -6.31 -3.48 -10.56
N ARG B 35 -5.76 -4.13 -11.59
CA ARG B 35 -5.72 -5.60 -11.46
C ARG B 35 -4.89 -6.12 -10.32
N ILE B 36 -3.71 -5.46 -10.11
CA ILE B 36 -2.84 -5.90 -9.00
C ILE B 36 -3.49 -5.56 -7.68
N LEU B 37 -4.20 -4.43 -7.64
CA LEU B 37 -4.86 -4.09 -6.35
C LEU B 37 -6.21 -4.81 -6.19
N GLN B 38 -6.67 -5.69 -7.11
CA GLN B 38 -7.99 -6.30 -6.95
C GLN B 38 -8.23 -7.00 -5.65
N ASP B 39 -7.28 -7.85 -5.21
CA ASP B 39 -7.36 -8.50 -3.93
C ASP B 39 -7.31 -7.54 -2.74
N SER B 40 -6.51 -6.47 -2.72
CA SER B 40 -6.53 -5.50 -1.66
C SER B 40 -7.90 -4.77 -1.53
N LEU B 41 -8.60 -4.55 -2.59
CA LEU B 41 -9.86 -3.78 -2.60
C LEU B 41 -11.13 -4.62 -2.55
N ASP B 42 -11.05 -5.93 -2.83
CA ASP B 42 -12.33 -6.72 -2.85
C ASP B 42 -11.98 -8.18 -2.61
N GLY B 43 -10.73 -8.46 -2.18
CA GLY B 43 -10.33 -9.82 -1.87
C GLY B 43 -10.03 -10.08 -0.42
N ASN B 44 -9.12 -11.06 -0.22
CA ASN B 44 -8.71 -11.46 1.11
C ASN B 44 -7.47 -10.73 1.60
N CYS B 45 -7.65 -9.46 1.96
CA CYS B 45 -6.56 -8.58 2.34
C CYS B 45 -6.99 -7.44 3.27
N ARG B 46 -6.18 -7.09 4.25
CA ARG B 46 -6.35 -5.99 5.15
C ARG B 46 -5.59 -4.80 4.53
N THR B 47 -6.40 -3.85 4.09
CA THR B 47 -5.86 -2.76 3.27
C THR B 47 -5.94 -1.42 4.04
N THR B 48 -4.88 -0.63 3.85
CA THR B 48 -4.87 0.72 4.48
C THR B 48 -4.46 1.71 3.40
N ILE B 49 -5.17 2.83 3.24
CA ILE B 49 -4.84 3.80 2.24
C ILE B 49 -4.40 5.08 3.01
N VAL B 50 -3.22 5.59 2.64
CA VAL B 50 -2.81 6.90 3.19
C VAL B 50 -3.03 7.92 2.07
N ILE B 51 -4.08 8.77 2.24
CA ILE B 51 -4.34 9.83 1.28
C ILE B 51 -3.49 11.06 1.73
N CYS B 52 -2.79 11.63 0.76
CA CYS B 52 -1.84 12.72 1.02
C CYS B 52 -2.44 14.00 0.41
N CYS B 53 -2.43 15.08 1.21
CA CYS B 53 -3.00 16.31 0.65
C CYS B 53 -2.14 17.55 0.99
N SER B 54 -2.13 18.48 0.08
CA SER B 54 -1.55 19.82 0.33
C SER B 54 -2.61 20.57 1.15
N PRO B 55 -2.19 21.41 2.07
CA PRO B 55 -3.13 22.26 2.81
C PRO B 55 -3.28 23.63 2.15
N SER B 56 -2.78 23.88 0.97
CA SER B 56 -2.90 25.17 0.33
C SER B 56 -4.27 25.39 -0.32
N VAL B 57 -4.78 26.63 -0.31
CA VAL B 57 -6.03 26.95 -0.99
C VAL B 57 -5.91 26.81 -2.48
N PHE B 58 -4.69 26.95 -3.01
CA PHE B 58 -4.36 26.81 -4.41
C PHE B 58 -4.65 25.39 -4.92
N ASN B 59 -4.50 24.39 -4.04
CA ASN B 59 -4.72 22.99 -4.40
C ASN B 59 -6.11 22.53 -3.97
N GLU B 60 -7.02 23.43 -3.56
CA GLU B 60 -8.28 22.97 -2.94
C GLU B 60 -9.11 21.98 -3.74
N ALA B 61 -9.29 22.09 -5.03
CA ALA B 61 -10.14 21.19 -5.79
C ALA B 61 -9.52 19.78 -5.85
N GLU B 62 -8.19 19.70 -5.96
CA GLU B 62 -7.53 18.38 -5.99
C GLU B 62 -7.62 17.77 -4.62
N THR B 63 -7.46 18.59 -3.59
CA THR B 63 -7.55 18.12 -2.21
C THR B 63 -8.94 17.53 -1.94
N LYS B 64 -9.95 18.29 -2.42
CA LYS B 64 -11.31 17.75 -2.19
C LYS B 64 -11.45 16.44 -2.98
N SER B 65 -10.92 16.32 -4.19
CA SER B 65 -11.06 15.01 -4.88
C SER B 65 -10.35 13.90 -4.13
N THR B 66 -9.18 14.22 -3.56
CA THR B 66 -8.52 13.19 -2.74
C THR B 66 -9.29 12.84 -1.49
N LEU B 67 -9.90 13.85 -0.80
CA LEU B 67 -10.68 13.49 0.39
C LEU B 67 -11.92 12.62 0.07
N MET B 68 -12.50 12.90 -1.08
CA MET B 68 -13.73 12.15 -1.49
C MET B 68 -13.39 10.72 -1.84
N PHE B 69 -12.23 10.54 -2.49
CA PHE B 69 -11.70 9.18 -2.77
C PHE B 69 -11.51 8.43 -1.47
N GLY B 70 -10.91 9.06 -0.45
CA GLY B 70 -10.72 8.40 0.84
C GLY B 70 -12.02 8.09 1.56
N GLN B 71 -12.95 9.05 1.53
CA GLN B 71 -14.23 8.85 2.22
C GLN B 71 -14.97 7.69 1.55
N ARG B 72 -15.02 7.62 0.25
CA ARG B 72 -15.60 6.43 -0.42
C ARG B 72 -14.85 5.14 -0.12
N ALA B 73 -13.51 5.17 -0.20
CA ALA B 73 -12.72 3.96 0.10
C ALA B 73 -12.93 3.43 1.48
N LYS B 74 -13.01 4.31 2.50
CA LYS B 74 -13.19 3.88 3.86
C LYS B 74 -14.46 3.06 4.10
N THR B 75 -15.45 3.13 3.24
CA THR B 75 -16.71 2.41 3.48
C THR B 75 -16.59 0.96 2.99
N ILE B 76 -15.50 0.65 2.29
CA ILE B 76 -15.38 -0.69 1.69
C ILE B 76 -14.97 -1.71 2.72
N LYS B 77 -15.64 -2.88 2.63
CA LYS B 77 -15.32 -3.98 3.51
C LYS B 77 -14.83 -5.20 2.70
N ASN B 78 -13.99 -5.97 3.38
CA ASN B 78 -13.41 -7.17 2.88
C ASN B 78 -13.65 -8.27 3.92
N THR B 79 -13.78 -9.47 3.36
CA THR B 79 -13.89 -10.66 4.24
C THR B 79 -12.52 -11.33 4.26
N VAL B 80 -11.89 -11.49 5.40
CA VAL B 80 -10.48 -11.89 5.47
C VAL B 80 -10.21 -13.06 6.37
N SER B 81 -9.23 -13.86 5.94
CA SER B 81 -8.80 -14.99 6.75
C SER B 81 -7.26 -15.12 6.63
N VAL B 82 -6.63 -15.67 7.67
CA VAL B 82 -5.16 -15.79 7.53
C VAL B 82 -4.88 -16.81 6.44
N ASN B 83 -3.71 -16.79 5.84
CA ASN B 83 -3.41 -17.74 4.78
C ASN B 83 -2.76 -18.96 5.43
N LEU B 84 -3.54 -19.84 6.03
CA LEU B 84 -3.00 -21.03 6.69
C LEU B 84 -2.98 -22.24 5.76
N GLU B 85 -1.92 -23.06 5.76
CA GLU B 85 -1.82 -24.22 4.93
C GLU B 85 -1.51 -25.44 5.83
N LEU B 86 -2.29 -26.50 5.65
CA LEU B 86 -2.13 -27.73 6.41
C LEU B 86 -1.70 -28.84 5.45
N THR B 87 -0.85 -29.75 5.94
CA THR B 87 -0.47 -30.90 5.13
C THR B 87 -1.77 -31.75 5.00
N ALA B 88 -1.85 -32.62 4.02
CA ALA B 88 -3.09 -33.46 3.88
C ALA B 88 -3.34 -34.29 5.09
N GLU B 89 -2.28 -34.87 5.74
CA GLU B 89 -2.53 -35.69 6.92
C GLU B 89 -3.10 -34.86 8.06
N GLU B 90 -2.59 -33.66 8.35
CA GLU B 90 -3.20 -32.89 9.43
C GLU B 90 -4.60 -32.44 9.03
N TRP B 91 -4.73 -32.03 7.76
CA TRP B 91 -6.09 -31.60 7.32
C TRP B 91 -7.09 -32.77 7.52
N LYS B 92 -6.72 -33.98 7.14
CA LYS B 92 -7.67 -35.10 7.34
C LYS B 92 -7.95 -35.33 8.81
N LYS B 93 -6.97 -35.18 9.72
CA LYS B 93 -7.25 -35.33 11.12
C LYS B 93 -8.26 -34.30 11.60
N LYS B 94 -8.11 -33.03 11.23
CA LYS B 94 -9.10 -32.03 11.67
C LYS B 94 -10.47 -32.41 11.11
N TYR B 95 -10.54 -32.82 9.85
CA TYR B 95 -11.85 -33.19 9.25
C TYR B 95 -12.55 -34.30 10.04
N GLU B 96 -11.82 -35.36 10.36
CA GLU B 96 -12.38 -36.48 11.11
C GLU B 96 -12.85 -36.09 12.50
N LYS B 97 -12.12 -35.20 13.13
CA LYS B 97 -12.43 -34.64 14.43
C LYS B 97 -13.65 -33.72 14.34
N GLU B 98 -13.70 -32.96 13.24
CA GLU B 98 -14.82 -32.06 13.04
C GLU B 98 -16.06 -32.84 12.65
N LYS B 99 -15.89 -34.00 12.01
CA LYS B 99 -16.94 -34.89 11.59
C LYS B 99 -17.52 -35.77 12.70
N GLU B 100 -16.73 -36.32 13.61
CA GLU B 100 -17.29 -37.14 14.68
C GLU B 100 -18.28 -36.38 15.56
S SO4 C . -9.19 -23.36 -14.49
O1 SO4 C . -10.38 -24.18 -14.73
O2 SO4 C . -8.23 -23.96 -13.52
O3 SO4 C . -8.44 -23.17 -15.80
O4 SO4 C . -9.60 -21.98 -14.04
S SO4 D . 14.95 9.53 -7.08
O1 SO4 D . 13.79 8.73 -7.59
O2 SO4 D . 14.89 9.81 -5.65
O3 SO4 D . 16.15 8.58 -7.33
O4 SO4 D . 15.13 10.68 -7.97
S SO4 E . 16.66 13.10 -14.91
O1 SO4 E . 15.44 13.77 -14.37
O2 SO4 E . 17.29 14.05 -15.91
O3 SO4 E . 17.62 12.79 -13.81
O4 SO4 E . 16.25 11.88 -15.69
PB ADP F . 4.47 13.14 -4.22
O1B ADP F . 4.61 13.72 -5.60
O2B ADP F . 5.28 11.91 -4.08
O3B ADP F . 3.07 13.04 -3.74
PA ADP F . 6.38 14.11 -2.25
O1A ADP F . 7.50 13.93 -3.27
O2A ADP F . 6.60 13.17 -1.23
O3A ADP F . 5.05 14.29 -3.17
O5' ADP F . 6.64 15.66 -1.84
C5' ADP F . 7.08 16.70 -2.73
C4' ADP F . 7.87 17.61 -1.75
O4' ADP F . 7.07 18.11 -0.66
C3' ADP F . 8.97 16.76 -1.09
O3' ADP F . 10.19 16.95 -1.85
C2' ADP F . 9.25 17.72 0.20
O2' ADP F . 10.00 18.93 -0.09
C1' ADP F . 7.79 18.08 0.57
N9 ADP F . 7.05 17.32 1.61
C8 ADP F . 5.97 16.49 1.43
N7 ADP F . 5.45 15.97 2.51
C5 ADP F . 6.28 16.55 3.48
C6 ADP F . 6.25 16.42 4.93
N6 ADP F . 5.29 15.66 5.48
N1 ADP F . 7.20 17.11 5.58
C2 ADP F . 8.17 17.85 4.98
N3 ADP F . 8.25 18.02 3.65
C4 ADP F . 7.26 17.36 2.98
#